data_8UA3
#
_entry.id   8UA3
#
loop_
_entity.id
_entity.type
_entity.pdbx_description
1 polymer 'F-box only protein 22'
2 polymer 'Transcription regulator protein BACH1'
#
loop_
_entity_poly.entity_id
_entity_poly.type
_entity_poly.pdbx_seq_one_letter_code
_entity_poly.pdbx_strand_id
1 'polypeptide(L)'
;MEPVGCCGECRGSSVDPRSTFVLSNLAEVVERVLTFLPAKALLRVACVCRLWRECVRRVLRTHRSVTWISAGLAEAGHLE
GHCLVRVVAEELENVRILPHTVLYMADSETFISLEECRGHKRARKRTSMETALALEKLFPKQCQVLGIVTPGIVVTPMGS
GSNRPQEIEIGESGFALLFPQIEGIKIQPFHFIKDPKNLTLERHQLTEVGLLDNPELRVVLVFGYNCCKVGASNYLQQVV
STFSDMNIILAGGQVDNLSSLTSEKNPLDIDASGVVGLSFSGHRIQSATVLLNEDVSDEKTAEAAMQRLKAANIPEHNTI
GFMFACVGRGFQYYRAKGNVEADAFRKFFPSVPLFGFFGNGEIGCDRIVTGNFILRKCNEVKDDDLFHSYTTIMALIHLG
SSK
;
C
2 'polypeptide(L)'
;SVFAYESSVHSTNVLLSLNDQRKKDVLCDVTIFVEGQRFRAHRSVLAACSSYFHSRIVGQADGELNITLPEEVTVKGFEP
LIQFAYTAKLILSKENVDEVCKCVEFLSVHNIEESCFQFLKF
;
D,E
#
# COMPACT_ATOMS: atom_id res chain seq x y z
N SER A 65 -6.88 -20.06 -6.80
CA SER A 65 -5.67 -20.56 -6.18
C SER A 65 -4.52 -20.53 -7.18
N VAL A 66 -3.37 -20.03 -6.74
CA VAL A 66 -2.18 -20.01 -7.56
C VAL A 66 -1.51 -21.39 -7.51
N THR A 67 -1.00 -21.84 -8.66
CA THR A 67 -0.34 -23.12 -8.77
C THR A 67 1.03 -22.93 -9.38
N TRP A 68 2.02 -23.65 -8.83
CA TRP A 68 3.41 -23.49 -9.23
C TRP A 68 3.99 -24.81 -9.69
N ILE A 69 4.87 -24.72 -10.68
CA ILE A 69 5.59 -25.87 -11.22
C ILE A 69 7.08 -25.56 -11.21
N SER A 70 7.89 -26.50 -10.72
CA SER A 70 9.32 -26.29 -10.60
C SER A 70 10.08 -27.49 -11.12
N ALA A 71 11.38 -27.29 -11.35
CA ALA A 71 12.29 -28.32 -11.83
C ALA A 71 13.48 -28.39 -10.89
N GLY A 72 13.55 -29.46 -10.09
CA GLY A 72 14.61 -29.61 -9.11
C GLY A 72 15.89 -30.17 -9.69
N LEU A 73 16.88 -30.35 -8.81
CA LEU A 73 18.18 -30.87 -9.22
C LEU A 73 18.19 -32.38 -9.37
N ALA A 74 17.15 -33.08 -8.89
CA ALA A 74 17.10 -34.53 -8.94
C ALA A 74 16.64 -35.07 -10.28
N GLU A 75 16.66 -34.26 -11.33
CA GLU A 75 16.22 -34.65 -12.66
C GLU A 75 17.23 -34.20 -13.70
N ALA A 76 18.51 -34.44 -13.44
CA ALA A 76 19.57 -34.08 -14.38
C ALA A 76 19.79 -35.20 -15.39
N GLY A 77 18.73 -35.46 -16.17
CA GLY A 77 18.77 -36.49 -17.19
C GLY A 77 19.82 -36.23 -18.25
N HIS A 78 20.62 -37.26 -18.56
CA HIS A 78 21.68 -37.14 -19.55
C HIS A 78 21.12 -37.38 -20.96
N LEU A 79 20.18 -36.53 -21.34
CA LEU A 79 19.55 -36.58 -22.65
C LEU A 79 19.36 -35.16 -23.17
N GLU A 80 19.26 -35.03 -24.49
CA GLU A 80 19.12 -33.73 -25.12
C GLU A 80 17.78 -33.11 -24.73
N GLY A 81 17.84 -31.97 -24.05
CA GLY A 81 16.64 -31.26 -23.67
C GLY A 81 16.75 -30.53 -22.34
N HIS A 82 16.12 -29.36 -22.25
CA HIS A 82 16.08 -28.61 -21.01
C HIS A 82 15.30 -29.39 -19.95
N CYS A 83 15.80 -29.34 -18.71
CA CYS A 83 15.10 -29.99 -17.60
C CYS A 83 13.74 -29.35 -17.36
N LEU A 84 13.68 -28.02 -17.32
CA LEU A 84 12.41 -27.35 -17.02
C LEU A 84 11.37 -27.62 -18.09
N VAL A 85 11.79 -27.61 -19.37
CA VAL A 85 10.84 -27.85 -20.46
C VAL A 85 10.26 -29.25 -20.34
N ARG A 86 11.08 -30.22 -19.90
CA ARG A 86 10.59 -31.59 -19.74
C ARG A 86 9.50 -31.65 -18.66
N VAL A 87 9.74 -31.01 -17.52
CA VAL A 87 8.75 -31.04 -16.44
C VAL A 87 7.48 -30.30 -16.86
N VAL A 88 7.64 -29.14 -17.49
CA VAL A 88 6.46 -28.35 -17.87
C VAL A 88 5.64 -29.06 -18.93
N ALA A 89 6.28 -29.97 -19.69
CA ALA A 89 5.53 -30.74 -20.67
C ALA A 89 4.67 -31.80 -19.99
N GLU A 90 5.25 -32.51 -19.02
CA GLU A 90 4.51 -33.57 -18.34
C GLU A 90 3.51 -32.98 -17.35
N GLU A 91 3.90 -31.94 -16.62
CA GLU A 91 3.06 -31.44 -15.53
C GLU A 91 1.86 -30.66 -16.04
N LEU A 92 2.00 -29.95 -17.17
CA LEU A 92 0.89 -29.18 -17.70
C LEU A 92 -0.30 -30.05 -18.09
N GLU A 93 -0.07 -31.33 -18.34
CA GLU A 93 -1.18 -32.25 -18.62
C GLU A 93 -2.08 -32.40 -17.40
N ASN A 94 -1.52 -32.39 -16.20
CA ASN A 94 -2.27 -32.60 -14.97
C ASN A 94 -2.58 -31.29 -14.25
N VAL A 95 -2.31 -30.13 -14.86
CA VAL A 95 -2.62 -28.86 -14.24
C VAL A 95 -4.13 -28.73 -14.09
N ARG A 96 -4.56 -27.96 -13.10
CA ARG A 96 -5.99 -27.86 -12.79
C ARG A 96 -6.60 -26.51 -13.14
N ILE A 97 -5.84 -25.43 -13.01
CA ILE A 97 -6.34 -24.09 -13.33
C ILE A 97 -5.85 -23.70 -14.72
N LEU A 98 -6.56 -22.76 -15.33
CA LEU A 98 -6.15 -22.24 -16.63
C LEU A 98 -5.21 -21.06 -16.43
N PRO A 99 -3.95 -21.15 -16.85
CA PRO A 99 -3.02 -20.04 -16.63
C PRO A 99 -3.41 -18.81 -17.44
N HIS A 100 -3.21 -17.65 -16.84
CA HIS A 100 -3.46 -16.37 -17.49
C HIS A 100 -2.20 -15.53 -17.63
N THR A 101 -1.45 -15.35 -16.55
CA THR A 101 -0.14 -14.71 -16.60
C THR A 101 0.86 -15.62 -15.92
N VAL A 102 2.04 -15.76 -16.51
CA VAL A 102 3.04 -16.71 -16.02
C VAL A 102 4.39 -16.02 -15.90
N LEU A 103 5.07 -16.28 -14.79
CA LEU A 103 6.42 -15.79 -14.53
C LEU A 103 7.32 -17.00 -14.29
N TYR A 104 8.31 -17.18 -15.16
CA TYR A 104 9.23 -18.31 -15.05
C TYR A 104 10.66 -17.82 -15.11
N MET A 105 11.52 -18.45 -14.31
CA MET A 105 12.93 -18.14 -14.22
C MET A 105 13.73 -19.42 -14.33
N ALA A 106 14.94 -19.34 -14.87
CA ALA A 106 15.81 -20.50 -14.98
C ALA A 106 17.26 -20.03 -14.87
N ASP A 107 18.16 -20.97 -14.62
CA ASP A 107 19.55 -20.63 -14.34
C ASP A 107 20.22 -20.33 -15.68
N SER A 108 21.40 -19.73 -15.65
CA SER A 108 22.03 -19.17 -16.85
C SER A 108 22.99 -20.15 -17.50
N GLU A 109 22.68 -21.45 -17.49
CA GLU A 109 23.41 -22.40 -18.32
C GLU A 109 22.44 -23.20 -19.18
N THR A 110 21.14 -22.99 -18.99
CA THR A 110 20.13 -23.75 -19.71
C THR A 110 19.48 -22.94 -20.82
N PHE A 111 20.11 -21.84 -21.25
CA PHE A 111 19.64 -21.04 -22.37
C PHE A 111 20.78 -20.79 -23.34
N ILE A 112 21.79 -21.65 -23.31
CA ILE A 112 22.94 -21.56 -24.19
C ILE A 112 23.14 -22.90 -24.87
N SER A 113 23.32 -22.89 -26.18
CA SER A 113 23.59 -24.14 -26.90
C SER A 113 24.85 -24.01 -27.75
N LEU A 114 25.10 -22.82 -28.30
CA LEU A 114 26.33 -22.58 -29.04
C LEU A 114 27.22 -21.55 -28.35
N GLU A 115 26.74 -20.31 -28.19
CA GLU A 115 27.38 -19.32 -27.35
C GLU A 115 26.36 -18.51 -26.57
N GLU A 116 25.09 -18.59 -26.98
CA GLU A 116 24.06 -17.72 -26.41
C GLU A 116 22.95 -18.53 -25.75
N THR A 127 19.48 -20.89 -30.70
CA THR A 127 20.01 -21.37 -29.43
C THR A 127 19.20 -20.86 -28.22
N SER A 128 19.23 -19.55 -27.96
CA SER A 128 18.41 -18.99 -26.91
C SER A 128 16.93 -19.08 -27.28
N MET A 129 16.61 -18.84 -28.55
CA MET A 129 15.24 -18.91 -29.03
C MET A 129 14.68 -20.32 -28.89
N GLU A 130 15.50 -21.33 -29.21
CA GLU A 130 15.07 -22.72 -29.17
C GLU A 130 14.56 -23.09 -27.79
N THR A 131 15.32 -22.75 -26.75
CA THR A 131 14.87 -23.02 -25.39
C THR A 131 13.70 -22.11 -25.00
N ALA A 132 13.78 -20.83 -25.40
CA ALA A 132 12.75 -19.86 -25.03
C ALA A 132 11.40 -20.17 -25.69
N LEU A 133 11.39 -20.24 -27.02
CA LEU A 133 10.14 -20.46 -27.75
C LEU A 133 9.53 -21.82 -27.41
N ALA A 134 10.36 -22.76 -26.96
CA ALA A 134 9.85 -24.06 -26.54
C ALA A 134 8.83 -23.90 -25.41
N LEU A 135 9.20 -23.12 -24.39
CA LEU A 135 8.26 -22.85 -23.31
C LEU A 135 7.18 -21.87 -23.75
N GLU A 136 7.49 -21.04 -24.74
CA GLU A 136 6.53 -20.04 -25.21
C GLU A 136 5.45 -20.68 -26.07
N LYS A 137 5.63 -21.95 -26.44
CA LYS A 137 4.69 -22.66 -27.29
C LYS A 137 3.67 -23.47 -26.49
N LEU A 138 4.12 -24.14 -25.44
CA LEU A 138 3.21 -24.97 -24.63
C LEU A 138 2.15 -24.13 -23.95
N PHE A 139 2.53 -22.95 -23.45
CA PHE A 139 1.58 -22.11 -22.74
C PHE A 139 0.52 -21.59 -23.70
N PRO A 140 -0.68 -21.28 -23.20
CA PRO A 140 -1.77 -20.86 -24.08
C PRO A 140 -1.44 -19.55 -24.80
N LYS A 141 -2.02 -19.38 -25.98
CA LYS A 141 -1.78 -18.18 -26.78
C LYS A 141 -2.26 -16.93 -26.05
N GLN A 142 -3.43 -17.00 -25.43
CA GLN A 142 -3.95 -15.86 -24.68
C GLN A 142 -3.18 -15.58 -23.41
N CYS A 143 -2.42 -16.56 -22.90
CA CYS A 143 -1.65 -16.36 -21.68
C CYS A 143 -0.51 -15.38 -21.91
N GLN A 144 -0.14 -14.67 -20.85
CA GLN A 144 0.92 -13.67 -20.91
C GLN A 144 2.17 -14.25 -20.25
N VAL A 145 3.28 -14.24 -20.98
CA VAL A 145 4.51 -14.88 -20.56
C VAL A 145 5.60 -13.83 -20.44
N LEU A 146 6.28 -13.82 -19.28
CA LEU A 146 7.47 -13.01 -19.08
C LEU A 146 8.65 -13.95 -18.85
N GLY A 147 9.70 -13.78 -19.66
CA GLY A 147 10.83 -14.70 -19.60
C GLY A 147 12.12 -14.05 -19.13
N ILE A 148 12.59 -14.46 -17.96
CA ILE A 148 13.73 -13.85 -17.28
C ILE A 148 14.69 -14.95 -16.84
N VAL A 149 15.98 -14.74 -17.09
CA VAL A 149 17.02 -15.70 -16.76
C VAL A 149 17.95 -15.07 -15.74
N THR A 150 18.24 -15.80 -14.65
CA THR A 150 19.05 -15.30 -13.56
C THR A 150 20.16 -16.30 -13.24
N PRO A 151 21.27 -15.86 -12.65
CA PRO A 151 22.32 -16.81 -12.25
C PRO A 151 22.05 -17.41 -10.88
N GLY A 152 21.03 -18.25 -10.78
CA GLY A 152 20.66 -18.87 -9.53
C GLY A 152 19.16 -18.86 -9.29
N ILE A 153 18.60 -20.02 -8.95
CA ILE A 153 17.17 -20.19 -8.73
C ILE A 153 16.96 -20.73 -7.33
N VAL A 154 16.06 -20.10 -6.58
CA VAL A 154 15.68 -20.57 -5.25
C VAL A 154 14.18 -20.82 -5.27
N VAL A 155 13.78 -22.06 -4.96
CA VAL A 155 12.45 -22.52 -5.34
C VAL A 155 11.92 -23.52 -4.32
N THR A 156 10.60 -23.53 -4.14
CA THR A 156 9.88 -24.55 -3.38
C THR A 156 9.35 -25.61 -4.34
N PRO A 157 9.50 -26.90 -4.01
CA PRO A 157 9.04 -27.96 -4.91
C PRO A 157 7.51 -28.07 -4.92
N MET A 158 7.02 -28.97 -5.77
CA MET A 158 5.59 -29.15 -5.95
C MET A 158 4.95 -29.72 -4.68
N GLY A 159 3.62 -29.86 -4.74
CA GLY A 159 2.89 -30.49 -3.66
C GLY A 159 2.07 -29.52 -2.85
N SER A 160 2.39 -29.40 -1.56
CA SER A 160 1.69 -28.51 -0.65
C SER A 160 2.56 -27.31 -0.32
N GLY A 161 2.07 -26.48 0.59
CA GLY A 161 2.81 -25.32 1.05
C GLY A 161 3.81 -25.59 2.14
N SER A 162 3.98 -26.84 2.55
CA SER A 162 4.88 -27.20 3.63
C SER A 162 6.21 -27.76 3.16
N ASN A 163 6.47 -27.76 1.86
CA ASN A 163 7.74 -28.25 1.36
C ASN A 163 8.89 -27.34 1.80
N ARG A 164 9.97 -27.97 2.23
CA ARG A 164 11.17 -27.24 2.64
C ARG A 164 11.83 -26.61 1.42
N PRO A 165 12.05 -25.30 1.42
CA PRO A 165 12.63 -24.65 0.24
C PRO A 165 14.06 -25.09 0.03
N GLN A 166 14.45 -25.20 -1.23
CA GLN A 166 15.79 -25.62 -1.60
C GLN A 166 16.46 -24.49 -2.36
N GLU A 167 17.62 -24.07 -1.87
CA GLU A 167 18.37 -22.95 -2.43
C GLU A 167 19.41 -23.50 -3.40
N ILE A 168 19.27 -23.18 -4.68
CA ILE A 168 20.10 -23.76 -5.72
C ILE A 168 21.05 -22.69 -6.25
N GLU A 169 22.35 -22.88 -6.02
CA GLU A 169 23.39 -22.12 -6.71
C GLU A 169 23.62 -22.80 -8.05
N ILE A 170 24.76 -22.53 -8.70
CA ILE A 170 25.02 -23.00 -10.06
C ILE A 170 24.56 -24.45 -10.23
N GLY A 171 23.73 -24.69 -11.25
CA GLY A 171 23.04 -25.95 -11.42
C GLY A 171 21.67 -25.74 -12.03
N GLU A 172 21.25 -26.62 -12.93
CA GLU A 172 20.04 -26.41 -13.72
C GLU A 172 18.82 -26.55 -12.82
N SER A 173 18.10 -25.44 -12.65
CA SER A 173 16.85 -25.42 -11.90
C SER A 173 16.00 -24.27 -12.40
N GLY A 174 14.71 -24.33 -12.10
CA GLY A 174 13.80 -23.26 -12.47
C GLY A 174 12.37 -23.52 -12.07
N PHE A 175 11.56 -22.48 -12.01
CA PHE A 175 10.16 -22.59 -11.64
C PHE A 175 9.30 -21.78 -12.58
N ALA A 176 8.04 -22.17 -12.69
CA ALA A 176 7.03 -21.42 -13.45
C ALA A 176 5.83 -21.19 -12.54
N LEU A 177 5.36 -19.95 -12.49
CA LEU A 177 4.24 -19.55 -11.65
C LEU A 177 3.02 -19.33 -12.53
N LEU A 178 1.95 -20.07 -12.26
CA LEU A 178 0.72 -19.97 -13.03
C LEU A 178 -0.30 -19.17 -12.23
N PHE A 179 -0.62 -17.97 -12.73
CA PHE A 179 -1.62 -17.12 -12.09
C PHE A 179 -2.95 -17.27 -12.81
N PRO A 180 -3.99 -17.75 -12.14
CA PRO A 180 -5.30 -17.90 -12.81
C PRO A 180 -6.07 -16.60 -12.85
N GLN A 181 -7.26 -16.62 -13.45
CA GLN A 181 -8.12 -15.45 -13.49
C GLN A 181 -8.74 -15.21 -12.12
N ILE A 182 -8.32 -14.14 -11.46
CA ILE A 182 -8.77 -13.81 -10.12
C ILE A 182 -9.59 -12.53 -10.19
N GLU A 183 -10.77 -12.55 -9.58
CA GLU A 183 -11.68 -11.41 -9.66
C GLU A 183 -11.13 -10.22 -8.88
N GLY A 184 -11.11 -9.06 -9.54
CA GLY A 184 -10.70 -7.83 -8.90
C GLY A 184 -9.22 -7.56 -8.89
N ILE A 185 -8.39 -8.49 -9.36
CA ILE A 185 -6.94 -8.32 -9.41
C ILE A 185 -6.51 -8.40 -10.86
N LYS A 186 -5.77 -7.41 -11.34
CA LYS A 186 -5.33 -7.34 -12.71
C LYS A 186 -3.81 -7.16 -12.76
N ILE A 187 -3.14 -8.02 -13.52
CA ILE A 187 -1.69 -8.05 -13.60
C ILE A 187 -1.30 -7.81 -15.06
N GLN A 188 -0.37 -6.87 -15.29
CA GLN A 188 0.02 -6.53 -16.65
C GLN A 188 1.53 -6.36 -16.72
N PRO A 189 2.21 -7.08 -17.60
CA PRO A 189 3.65 -6.90 -17.75
C PRO A 189 3.98 -5.55 -18.37
N PHE A 190 5.23 -5.15 -18.24
CA PHE A 190 5.71 -3.92 -18.85
C PHE A 190 7.17 -4.11 -19.26
N HIS A 191 7.60 -3.33 -20.25
CA HIS A 191 8.95 -3.46 -20.80
C HIS A 191 9.37 -2.12 -21.38
N PHE A 192 10.49 -1.59 -20.89
CA PHE A 192 11.08 -0.36 -21.41
C PHE A 192 12.47 -0.72 -21.94
N ILE A 193 12.58 -0.83 -23.26
CA ILE A 193 13.85 -1.16 -23.90
C ILE A 193 14.77 0.06 -23.78
N LYS A 194 16.08 -0.18 -23.80
CA LYS A 194 17.04 0.91 -23.76
C LYS A 194 17.16 1.51 -25.17
N ASP A 195 17.99 2.55 -25.31
CA ASP A 195 18.13 3.27 -26.56
C ASP A 195 19.59 3.60 -26.83
N PRO A 196 20.00 3.66 -28.09
CA PRO A 196 21.32 4.23 -28.39
C PRO A 196 21.34 5.71 -28.09
N LYS A 197 20.30 6.42 -28.56
CA LYS A 197 20.13 7.85 -28.29
C LYS A 197 18.66 8.19 -28.50
N ASN A 198 17.97 8.52 -27.40
CA ASN A 198 16.57 8.89 -27.46
C ASN A 198 16.19 9.60 -26.17
N LEU A 199 14.89 9.79 -25.97
CA LEU A 199 14.37 10.37 -24.73
C LEU A 199 14.46 9.35 -23.61
N THR A 200 13.86 9.64 -22.45
CA THR A 200 13.85 8.64 -21.40
C THR A 200 12.52 7.90 -21.37
N LEU A 201 11.46 8.60 -20.97
CA LEU A 201 10.10 8.06 -20.84
C LEU A 201 9.18 9.27 -20.74
N GLU A 202 8.39 9.54 -21.78
CA GLU A 202 7.70 10.82 -21.74
C GLU A 202 6.63 10.84 -20.66
N ARG A 203 5.49 10.17 -20.86
CA ARG A 203 4.61 9.86 -19.73
C ARG A 203 3.82 8.58 -19.96
N HIS A 204 3.56 8.24 -21.23
CA HIS A 204 2.45 7.37 -21.55
C HIS A 204 2.71 5.92 -21.23
N GLN A 205 3.96 5.48 -21.29
CA GLN A 205 4.30 4.09 -20.99
C GLN A 205 3.97 3.74 -19.53
N LEU A 206 3.98 4.74 -18.65
CA LEU A 206 3.53 4.55 -17.29
C LEU A 206 2.01 4.51 -17.17
N THR A 207 1.29 5.01 -18.17
CA THR A 207 -0.16 4.90 -18.23
C THR A 207 -0.59 3.77 -19.15
N GLU A 208 0.22 3.44 -20.16
CA GLU A 208 -0.09 2.32 -21.03
C GLU A 208 -0.20 1.01 -20.25
N VAL A 209 0.73 0.78 -19.33
CA VAL A 209 0.73 -0.44 -18.54
C VAL A 209 0.06 -0.20 -17.19
N GLY A 210 0.30 0.97 -16.58
CA GLY A 210 -0.42 1.31 -15.37
C GLY A 210 0.41 1.63 -14.14
N LEU A 211 1.69 1.94 -14.33
CA LEU A 211 2.55 2.32 -13.22
C LEU A 211 2.21 3.68 -12.63
N LEU A 212 1.50 4.53 -13.36
CA LEU A 212 1.09 5.82 -12.85
C LEU A 212 -0.40 6.01 -13.07
N ASP A 213 -0.96 6.96 -12.33
CA ASP A 213 -2.39 7.31 -12.40
C ASP A 213 -3.29 6.12 -12.08
N ASN A 214 -2.74 5.10 -11.43
CA ASN A 214 -3.52 3.94 -11.03
C ASN A 214 -3.79 4.02 -9.53
N PRO A 215 -5.02 4.27 -9.11
CA PRO A 215 -5.29 4.41 -7.67
C PRO A 215 -5.17 3.13 -6.87
N GLU A 216 -4.90 1.99 -7.52
CA GLU A 216 -4.87 0.73 -6.79
C GLU A 216 -3.58 -0.05 -7.02
N LEU A 217 -2.53 0.58 -7.57
CA LEU A 217 -1.23 -0.06 -7.69
C LEU A 217 -0.62 -0.25 -6.32
N ARG A 218 -0.34 -1.49 -5.93
CA ARG A 218 0.17 -1.74 -4.58
C ARG A 218 1.48 -2.51 -4.56
N VAL A 219 1.74 -3.38 -5.54
CA VAL A 219 2.98 -4.13 -5.60
C VAL A 219 3.54 -4.07 -7.01
N VAL A 220 4.84 -3.84 -7.14
CA VAL A 220 5.54 -3.93 -8.40
C VAL A 220 6.77 -4.81 -8.20
N LEU A 221 7.20 -5.47 -9.27
CA LEU A 221 8.24 -6.47 -9.20
C LEU A 221 9.33 -6.17 -10.24
N VAL A 222 9.81 -4.93 -10.24
CA VAL A 222 10.78 -4.45 -11.22
C VAL A 222 11.99 -5.35 -11.32
N PHE A 223 12.34 -5.77 -12.53
CA PHE A 223 13.55 -6.52 -12.83
C PHE A 223 14.39 -5.75 -13.82
N GLY A 224 15.69 -6.05 -13.86
CA GLY A 224 16.58 -5.38 -14.78
C GLY A 224 17.63 -6.34 -15.30
N TYR A 225 18.09 -6.08 -16.52
CA TYR A 225 19.05 -6.98 -17.16
C TYR A 225 20.08 -6.22 -17.98
N ASN A 226 21.26 -6.81 -18.14
CA ASN A 226 22.36 -6.24 -18.91
C ASN A 226 22.69 -4.82 -18.46
N CYS A 227 22.82 -4.63 -17.15
CA CYS A 227 23.08 -3.29 -16.62
C CYS A 227 24.58 -3.01 -16.54
N CYS A 228 25.41 -3.92 -17.07
CA CYS A 228 26.86 -3.79 -16.98
C CYS A 228 27.38 -2.50 -17.61
N LYS A 229 26.90 -2.17 -18.80
CA LYS A 229 27.37 -0.96 -19.48
C LYS A 229 26.95 0.28 -18.71
N VAL A 230 27.81 1.30 -18.75
CA VAL A 230 27.51 2.59 -18.14
C VAL A 230 26.30 3.18 -18.85
N GLY A 231 25.58 4.06 -18.15
CA GLY A 231 24.29 4.51 -18.68
C GLY A 231 23.19 3.51 -18.45
N ALA A 232 23.40 2.26 -18.86
CA ALA A 232 22.47 1.19 -18.52
C ALA A 232 22.40 0.96 -17.01
N SER A 233 23.54 0.99 -16.33
CA SER A 233 23.55 0.93 -14.88
C SER A 233 22.79 2.11 -14.30
N ASN A 234 22.97 3.29 -14.87
CA ASN A 234 22.20 4.46 -14.48
C ASN A 234 20.81 4.48 -15.10
N TYR A 235 20.53 3.66 -16.11
CA TYR A 235 19.17 3.60 -16.64
C TYR A 235 18.20 3.11 -15.58
N LEU A 236 18.57 2.06 -14.86
CA LEU A 236 17.74 1.59 -13.76
C LEU A 236 17.60 2.65 -12.68
N GLN A 237 18.61 3.50 -12.51
CA GLN A 237 18.51 4.62 -11.60
C GLN A 237 17.41 5.58 -12.05
N GLN A 238 17.33 5.88 -13.35
CA GLN A 238 16.39 6.88 -13.83
C GLN A 238 14.98 6.32 -13.99
N VAL A 239 14.85 5.13 -14.57
CA VAL A 239 13.54 4.60 -14.90
C VAL A 239 12.68 4.38 -13.66
N VAL A 240 13.29 3.97 -12.55
CA VAL A 240 12.52 3.70 -11.35
C VAL A 240 11.90 4.97 -10.78
N SER A 241 12.61 6.10 -10.85
CA SER A 241 12.16 7.31 -10.17
C SER A 241 10.87 7.84 -10.79
N THR A 242 10.58 7.46 -12.03
CA THR A 242 9.39 7.95 -12.70
C THR A 242 8.13 7.46 -12.00
N PHE A 243 8.10 6.20 -11.58
CA PHE A 243 6.91 5.64 -10.93
C PHE A 243 7.13 5.35 -9.46
N SER A 244 8.17 5.89 -8.83
CA SER A 244 8.39 5.69 -7.40
C SER A 244 7.60 6.71 -6.59
N ASP A 245 7.93 6.82 -5.30
CA ASP A 245 7.38 7.83 -4.41
C ASP A 245 5.89 7.62 -4.15
N MET A 246 5.33 6.53 -4.64
CA MET A 246 3.92 6.22 -4.39
C MET A 246 3.83 5.28 -3.19
N ASN A 247 2.61 4.82 -2.90
CA ASN A 247 2.38 3.89 -1.79
C ASN A 247 2.40 2.45 -2.32
N ILE A 248 3.53 2.10 -2.95
CA ILE A 248 3.70 0.81 -3.57
C ILE A 248 4.92 0.10 -2.98
N ILE A 249 5.08 -1.18 -3.29
CA ILE A 249 6.22 -1.97 -2.84
C ILE A 249 7.06 -2.29 -4.06
N LEU A 250 8.34 -1.92 -4.02
CA LEU A 250 9.26 -2.37 -5.04
C LEU A 250 9.97 -3.64 -4.58
N ALA A 251 10.37 -4.44 -5.55
CA ALA A 251 11.04 -5.70 -5.26
C ALA A 251 11.71 -6.18 -6.55
N GLY A 252 12.88 -6.79 -6.38
CA GLY A 252 13.61 -7.34 -7.50
C GLY A 252 15.04 -6.83 -7.50
N GLY A 253 15.65 -6.93 -8.68
CA GLY A 253 17.05 -6.56 -8.81
C GLY A 253 17.49 -6.68 -10.25
N GLN A 254 18.78 -6.92 -10.42
CA GLN A 254 19.40 -7.04 -11.74
C GLN A 254 19.64 -8.50 -12.07
N VAL A 255 19.36 -8.88 -13.32
CA VAL A 255 19.50 -10.26 -13.78
C VAL A 255 20.33 -10.27 -15.04
N ASP A 256 20.50 -11.46 -15.64
CA ASP A 256 21.38 -11.58 -16.80
C ASP A 256 20.71 -11.11 -18.07
N ASN A 257 19.64 -11.77 -18.50
CA ASN A 257 19.06 -11.52 -19.80
C ASN A 257 17.60 -11.96 -19.81
N LEU A 258 16.92 -11.65 -20.91
CA LEU A 258 15.51 -11.95 -21.09
C LEU A 258 15.37 -13.09 -22.09
N SER A 259 14.28 -13.85 -21.97
CA SER A 259 14.05 -14.98 -22.87
C SER A 259 12.80 -14.81 -23.73
N SER A 260 11.66 -14.48 -23.13
CA SER A 260 10.42 -14.42 -23.88
C SER A 260 9.45 -13.43 -23.24
N LEU A 261 8.87 -12.56 -24.06
CA LEU A 261 7.80 -11.66 -23.64
C LEU A 261 6.70 -11.68 -24.69
N THR A 262 5.45 -11.71 -24.24
CA THR A 262 4.30 -11.80 -25.14
C THR A 262 3.74 -10.40 -25.39
N SER A 263 4.38 -9.70 -26.32
CA SER A 263 3.87 -8.42 -26.79
C SER A 263 3.42 -8.46 -28.25
N GLU A 264 3.80 -9.49 -29.00
CA GLU A 264 3.34 -9.74 -30.37
C GLU A 264 3.69 -8.62 -31.33
N LYS A 265 4.69 -7.78 -31.00
CA LYS A 265 5.08 -6.71 -31.90
C LYS A 265 6.59 -6.49 -31.93
N ASN A 266 7.38 -7.40 -31.37
CA ASN A 266 8.83 -7.19 -31.35
C ASN A 266 9.58 -8.52 -31.24
N PRO A 267 10.39 -8.88 -32.24
CA PRO A 267 11.32 -9.99 -32.05
C PRO A 267 12.41 -9.60 -31.06
N LEU A 268 12.50 -10.36 -29.98
CA LEU A 268 13.33 -9.96 -28.85
C LEU A 268 14.81 -9.92 -29.23
N ASP A 269 15.47 -8.83 -28.86
CA ASP A 269 16.90 -8.66 -29.12
C ASP A 269 17.67 -9.04 -27.88
N ILE A 270 18.60 -10.00 -28.02
CA ILE A 270 19.30 -10.53 -26.86
C ILE A 270 20.34 -9.54 -26.35
N ASP A 271 20.86 -8.67 -27.21
CA ASP A 271 21.96 -7.78 -26.83
C ASP A 271 21.49 -6.51 -26.13
N ALA A 272 20.20 -6.18 -26.20
CA ALA A 272 19.70 -4.92 -25.67
C ALA A 272 19.28 -5.08 -24.21
N SER A 273 19.51 -4.02 -23.43
CA SER A 273 19.14 -3.99 -22.03
C SER A 273 17.83 -3.25 -21.83
N GLY A 274 17.25 -3.41 -20.65
CA GLY A 274 15.99 -2.76 -20.36
C GLY A 274 15.49 -3.14 -18.98
N VAL A 275 14.26 -2.75 -18.71
CA VAL A 275 13.59 -3.00 -17.44
C VAL A 275 12.27 -3.70 -17.73
N VAL A 276 12.04 -4.83 -17.06
CA VAL A 276 10.82 -5.61 -17.22
C VAL A 276 10.34 -6.02 -15.84
N GLY A 277 9.06 -6.37 -15.75
CA GLY A 277 8.53 -6.87 -14.50
C GLY A 277 7.02 -6.93 -14.53
N LEU A 278 6.45 -7.37 -13.41
CA LEU A 278 5.01 -7.42 -13.22
C LEU A 278 4.57 -6.21 -12.40
N SER A 279 3.31 -5.82 -12.58
CA SER A 279 2.72 -4.69 -11.88
C SER A 279 1.40 -5.14 -11.28
N PHE A 280 1.44 -5.68 -10.06
CA PHE A 280 0.24 -6.12 -9.38
C PHE A 280 -0.66 -4.93 -9.08
N SER A 281 -1.96 -5.16 -9.20
CA SER A 281 -2.93 -4.09 -8.97
C SER A 281 -4.25 -4.71 -8.52
N GLY A 282 -4.83 -4.15 -7.47
CA GLY A 282 -6.08 -4.66 -6.95
C GLY A 282 -6.49 -3.91 -5.72
N HIS A 283 -7.55 -4.40 -5.07
CA HIS A 283 -8.07 -3.77 -3.87
C HIS A 283 -7.77 -4.54 -2.60
N ARG A 284 -7.33 -5.80 -2.69
CA ARG A 284 -7.00 -6.59 -1.51
C ARG A 284 -5.57 -7.09 -1.49
N ILE A 285 -4.74 -6.64 -2.41
CA ILE A 285 -3.35 -7.11 -2.48
C ILE A 285 -2.55 -6.48 -1.36
N GLN A 286 -2.36 -7.23 -0.28
CA GLN A 286 -1.51 -6.81 0.81
C GLN A 286 -0.07 -7.21 0.53
N SER A 287 0.86 -6.54 1.19
CA SER A 287 2.28 -6.74 0.91
C SER A 287 3.09 -6.51 2.18
N ALA A 288 4.37 -6.84 2.10
CA ALA A 288 5.31 -6.66 3.19
C ALA A 288 6.71 -6.82 2.64
N THR A 289 7.67 -6.15 3.28
CA THR A 289 9.04 -6.19 2.80
C THR A 289 10.01 -5.96 3.95
N VAL A 290 11.06 -6.78 4.00
CA VAL A 290 12.11 -6.65 5.00
C VAL A 290 13.46 -6.71 4.28
N LEU A 291 14.33 -5.73 4.57
CA LEU A 291 15.69 -5.78 4.09
C LEU A 291 16.55 -6.62 5.02
N LEU A 292 17.54 -7.31 4.44
CA LEU A 292 18.51 -8.09 5.19
C LEU A 292 19.88 -7.49 4.92
N ASN A 293 20.28 -6.51 5.73
CA ASN A 293 21.51 -5.77 5.49
C ASN A 293 22.73 -6.56 5.94
N GLU A 294 23.88 -5.90 6.01
CA GLU A 294 25.13 -6.54 6.39
C GLU A 294 25.20 -6.76 7.90
N ASP A 295 24.09 -6.49 8.61
CA ASP A 295 24.01 -6.72 10.03
C ASP A 295 23.56 -8.13 10.39
N VAL A 296 23.17 -8.95 9.42
CA VAL A 296 22.76 -10.32 9.67
C VAL A 296 23.84 -11.25 9.12
N SER A 297 24.42 -12.07 9.99
CA SER A 297 25.49 -12.96 9.57
C SER A 297 25.43 -14.34 10.20
N ASP A 298 24.35 -14.71 10.87
CA ASP A 298 24.24 -16.01 11.50
C ASP A 298 22.77 -16.40 11.60
N GLU A 299 22.51 -17.59 12.13
CA GLU A 299 21.16 -18.13 12.17
C GLU A 299 20.23 -17.25 13.01
N LYS A 300 20.69 -16.83 14.20
CA LYS A 300 19.82 -16.09 15.10
C LYS A 300 19.46 -14.73 14.54
N THR A 301 20.41 -14.02 13.94
CA THR A 301 20.12 -12.72 13.36
C THR A 301 19.14 -12.82 12.19
N ALA A 302 19.30 -13.85 11.35
CA ALA A 302 18.37 -14.03 10.24
C ALA A 302 16.96 -14.30 10.74
N GLU A 303 16.81 -15.15 11.76
CA GLU A 303 15.49 -15.41 12.32
C GLU A 303 14.89 -14.17 12.98
N ALA A 304 15.72 -13.29 13.53
CA ALA A 304 15.21 -12.05 14.09
C ALA A 304 14.58 -11.18 13.02
N ALA A 305 15.21 -11.11 11.84
CA ALA A 305 14.69 -10.28 10.76
C ALA A 305 13.33 -10.77 10.29
N MET A 306 13.19 -12.08 10.09
CA MET A 306 11.92 -12.63 9.61
C MET A 306 10.85 -12.64 10.70
N GLN A 307 11.23 -12.45 11.97
CA GLN A 307 10.23 -12.25 13.00
C GLN A 307 9.53 -10.90 12.82
N ARG A 308 10.26 -9.91 12.31
CA ARG A 308 9.64 -8.62 12.01
C ARG A 308 8.57 -8.76 10.94
N LEU A 309 8.83 -9.61 9.94
CA LEU A 309 7.82 -9.85 8.91
C LEU A 309 6.56 -10.46 9.49
N LYS A 310 6.71 -11.39 10.43
CA LYS A 310 5.53 -11.99 11.06
C LYS A 310 4.69 -10.98 11.83
N ALA A 311 5.32 -9.92 12.37
CA ALA A 311 4.57 -8.93 13.13
C ALA A 311 3.68 -8.06 12.25
N ALA A 312 3.87 -8.08 10.94
CA ALA A 312 3.05 -7.30 10.03
C ALA A 312 1.63 -7.83 9.92
N ASN A 313 1.35 -9.01 10.46
CA ASN A 313 0.02 -9.62 10.45
C ASN A 313 -0.49 -9.78 9.01
N ILE A 314 0.41 -10.21 8.14
CA ILE A 314 0.04 -10.58 6.77
C ILE A 314 -0.59 -11.96 6.83
N PRO A 315 -1.77 -12.17 6.24
CA PRO A 315 -2.44 -13.47 6.34
C PRO A 315 -1.63 -14.60 5.72
N GLU A 316 -1.98 -15.83 6.06
CA GLU A 316 -1.19 -16.99 5.65
C GLU A 316 -1.58 -17.49 4.26
N HIS A 317 -2.87 -17.76 4.06
CA HIS A 317 -3.34 -18.40 2.83
C HIS A 317 -3.26 -17.46 1.64
N ASN A 318 -3.08 -18.03 0.45
CA ASN A 318 -3.09 -17.29 -0.82
C ASN A 318 -1.99 -16.25 -0.89
N THR A 319 -0.85 -16.50 -0.25
CA THR A 319 0.30 -15.61 -0.34
C THR A 319 1.49 -16.36 -0.95
N ILE A 320 2.28 -15.64 -1.72
CA ILE A 320 3.50 -16.19 -2.29
C ILE A 320 4.66 -15.30 -1.86
N GLY A 321 5.79 -15.90 -1.53
CA GLY A 321 6.94 -15.18 -1.02
C GLY A 321 8.02 -15.07 -2.07
N PHE A 322 8.81 -14.01 -1.98
CA PHE A 322 9.93 -13.79 -2.89
C PHE A 322 11.19 -13.48 -2.09
N MET A 323 12.33 -13.90 -2.64
CA MET A 323 13.63 -13.67 -2.02
C MET A 323 14.63 -13.34 -3.12
N PHE A 324 15.00 -12.08 -3.22
CA PHE A 324 16.02 -11.63 -4.17
C PHE A 324 17.30 -11.30 -3.40
N ALA A 325 18.39 -11.98 -3.73
CA ALA A 325 19.63 -11.83 -2.99
C ALA A 325 20.80 -11.56 -3.94
N CYS A 326 22.00 -11.48 -3.38
CA CYS A 326 23.21 -11.23 -4.14
C CYS A 326 24.04 -12.50 -4.27
N VAL A 327 24.76 -12.60 -5.39
CA VAL A 327 25.60 -13.77 -5.61
C VAL A 327 26.72 -13.85 -4.57
N GLY A 328 27.00 -12.76 -3.87
CA GLY A 328 27.96 -12.77 -2.78
C GLY A 328 27.40 -13.28 -1.46
N ARG A 329 26.12 -13.61 -1.41
CA ARG A 329 25.49 -14.16 -0.22
C ARG A 329 25.09 -15.61 -0.46
N GLY A 330 25.23 -16.42 0.60
CA GLY A 330 24.90 -17.82 0.50
C GLY A 330 25.91 -18.70 1.20
N PHE A 331 26.52 -19.61 0.44
CA PHE A 331 27.53 -20.50 1.01
C PHE A 331 28.71 -19.70 1.54
N GLN A 332 29.16 -18.70 0.79
CA GLN A 332 30.36 -17.96 1.17
C GLN A 332 30.11 -17.04 2.36
N TYR A 333 29.01 -16.29 2.34
CA TYR A 333 28.84 -15.19 3.29
C TYR A 333 28.56 -15.71 4.69
N TYR A 334 27.44 -16.40 4.88
CA TYR A 334 27.22 -17.11 6.13
C TYR A 334 28.07 -18.36 6.17
N ARG A 335 28.78 -18.58 7.27
CA ARG A 335 29.86 -19.54 7.35
C ARG A 335 29.42 -20.97 7.07
N ALA A 336 29.81 -21.50 5.91
CA ALA A 336 29.72 -22.92 5.59
C ALA A 336 28.32 -23.52 5.68
N LYS A 337 27.28 -22.69 5.57
CA LYS A 337 25.91 -23.19 5.57
C LYS A 337 25.17 -22.73 4.31
N GLY A 338 24.06 -23.42 4.04
CA GLY A 338 23.17 -23.07 2.95
C GLY A 338 21.73 -23.31 3.31
N ASN A 339 20.79 -22.85 2.47
CA ASN A 339 19.37 -22.95 2.74
C ASN A 339 19.04 -22.39 4.12
N VAL A 340 19.68 -21.27 4.47
CA VAL A 340 19.54 -20.65 5.78
C VAL A 340 18.43 -19.61 5.79
N GLU A 341 18.37 -18.76 4.76
CA GLU A 341 17.22 -17.87 4.62
C GLU A 341 15.95 -18.67 4.38
N ALA A 342 16.04 -19.70 3.55
CA ALA A 342 14.87 -20.51 3.21
C ALA A 342 14.32 -21.22 4.44
N ASP A 343 15.21 -21.80 5.26
CA ASP A 343 14.75 -22.50 6.45
C ASP A 343 14.11 -21.56 7.47
N ALA A 344 14.66 -20.36 7.64
CA ALA A 344 14.09 -19.38 8.55
C ALA A 344 12.74 -18.86 8.07
N PHE A 345 12.53 -18.77 6.76
CA PHE A 345 11.23 -18.34 6.23
C PHE A 345 10.12 -19.28 6.69
N ARG A 346 10.34 -20.58 6.57
CA ARG A 346 9.34 -21.56 6.99
C ARG A 346 9.43 -21.91 8.47
N LYS A 347 10.40 -21.35 9.18
CA LYS A 347 10.43 -21.51 10.63
C LYS A 347 9.31 -20.71 11.28
N PHE A 348 9.09 -19.47 10.82
CA PHE A 348 8.08 -18.61 11.39
C PHE A 348 6.80 -18.55 10.55
N PHE A 349 6.91 -18.75 9.24
CA PHE A 349 5.74 -18.80 8.37
C PHE A 349 5.46 -20.26 8.03
N PRO A 350 4.34 -20.82 8.48
CA PRO A 350 4.21 -22.28 8.49
C PRO A 350 3.92 -22.90 7.14
N SER A 351 3.24 -22.20 6.23
CA SER A 351 2.83 -22.87 5.00
C SER A 351 2.95 -22.02 3.74
N VAL A 352 3.59 -20.85 3.79
CA VAL A 352 3.72 -20.03 2.59
C VAL A 352 4.81 -20.61 1.70
N PRO A 353 4.66 -20.55 0.39
CA PRO A 353 5.74 -21.01 -0.49
C PRO A 353 6.84 -19.97 -0.64
N LEU A 354 7.84 -20.25 -1.47
CA LEU A 354 8.96 -19.33 -1.62
C LEU A 354 9.52 -19.47 -3.04
N PHE A 355 9.75 -18.35 -3.71
CA PHE A 355 10.35 -18.33 -5.03
C PHE A 355 11.19 -17.06 -5.20
N GLY A 356 12.43 -17.21 -5.65
CA GLY A 356 13.28 -16.06 -5.83
C GLY A 356 14.56 -16.45 -6.54
N PHE A 357 15.30 -15.44 -6.96
CA PHE A 357 16.50 -15.64 -7.75
C PHE A 357 17.72 -15.05 -7.04
N PHE A 358 18.89 -15.38 -7.54
CA PHE A 358 20.16 -14.77 -7.13
C PHE A 358 20.65 -13.87 -8.24
N GLY A 359 20.99 -12.63 -7.91
CA GLY A 359 21.35 -11.69 -8.94
C GLY A 359 22.46 -10.76 -8.48
N ASN A 360 22.84 -9.87 -9.40
CA ASN A 360 23.92 -8.91 -9.16
C ASN A 360 23.41 -7.55 -8.72
N GLY A 361 22.17 -7.48 -8.23
CA GLY A 361 21.60 -6.20 -7.83
C GLY A 361 20.40 -6.35 -6.93
N GLU A 362 20.09 -5.31 -6.16
CA GLU A 362 19.05 -5.38 -5.16
C GLU A 362 18.17 -4.14 -5.24
N ILE A 363 16.86 -4.36 -5.10
CA ILE A 363 15.88 -3.28 -5.03
C ILE A 363 14.92 -3.58 -3.88
N GLY A 364 14.64 -2.58 -3.07
CA GLY A 364 13.68 -2.75 -1.99
C GLY A 364 13.99 -1.82 -0.83
N CYS A 365 13.07 -1.83 0.13
CA CYS A 365 13.19 -1.01 1.34
C CYS A 365 12.45 -1.71 2.46
N ASP A 366 12.18 -0.98 3.54
CA ASP A 366 11.30 -1.43 4.62
C ASP A 366 9.97 -0.73 4.48
N ARG A 367 8.92 -1.48 4.20
CA ARG A 367 7.61 -0.89 3.95
C ARG A 367 6.51 -1.93 3.98
N ILE A 368 5.36 -1.57 4.57
CA ILE A 368 4.18 -2.43 4.62
C ILE A 368 3.01 -1.63 4.08
N VAL A 369 2.32 -2.17 3.08
CA VAL A 369 1.12 -1.57 2.53
C VAL A 369 0.01 -2.60 2.57
N THR A 370 -1.12 -2.23 3.17
CA THR A 370 -2.28 -3.10 3.26
C THR A 370 -3.52 -2.30 2.88
N GLY A 371 -4.70 -2.85 3.17
CA GLY A 371 -5.93 -2.15 2.87
C GLY A 371 -6.08 -0.85 3.64
N ASN A 372 -5.42 -0.73 4.78
CA ASN A 372 -5.56 0.47 5.60
C ASN A 372 -4.28 1.28 5.72
N PHE A 373 -3.20 0.65 6.21
CA PHE A 373 -2.05 1.43 6.66
C PHE A 373 -0.89 1.33 5.68
N ILE A 374 -0.05 2.36 5.68
CA ILE A 374 1.18 2.41 4.91
C ILE A 374 2.29 2.86 5.86
N LEU A 375 3.44 2.18 5.79
CA LEU A 375 4.52 2.42 6.75
C LEU A 375 5.81 2.85 6.06
N ARG A 376 5.72 3.82 5.15
CA ARG A 376 6.87 4.25 4.38
C ARG A 376 8.03 4.68 5.27
N LYS A 377 9.21 4.74 4.68
CA LYS A 377 10.41 5.27 5.31
C LYS A 377 10.58 6.70 4.80
N CYS A 378 10.77 7.64 5.72
CA CYS A 378 10.77 9.05 5.39
C CYS A 378 11.85 9.41 4.38
N ASN A 379 12.98 8.71 4.43
CA ASN A 379 14.01 8.66 3.38
C ASN A 379 14.20 10.01 2.67
N GLU A 380 14.39 11.05 3.48
CA GLU A 380 14.30 12.43 3.02
C GLU A 380 15.47 12.88 2.15
N VAL A 381 16.39 12.01 1.73
CA VAL A 381 17.55 12.55 1.04
C VAL A 381 17.22 12.76 -0.44
N LYS A 382 17.23 11.71 -1.26
CA LYS A 382 16.42 11.73 -2.47
C LYS A 382 15.66 10.44 -2.68
N ASP A 383 16.38 9.36 -2.96
CA ASP A 383 15.82 8.03 -3.21
C ASP A 383 16.82 6.95 -2.80
N ASP A 384 17.65 7.21 -1.80
CA ASP A 384 18.80 6.36 -1.49
C ASP A 384 18.42 5.17 -0.61
N ASP A 385 17.16 4.76 -0.63
CA ASP A 385 16.65 3.69 0.22
C ASP A 385 16.25 2.47 -0.60
N LEU A 386 16.57 2.47 -1.90
CA LEU A 386 16.12 1.43 -2.79
C LEU A 386 17.27 0.60 -3.33
N PHE A 387 18.26 1.26 -3.94
CA PHE A 387 19.37 0.55 -4.56
C PHE A 387 20.43 0.17 -3.53
N HIS A 388 20.25 -0.99 -2.92
CA HIS A 388 21.27 -1.56 -2.06
C HIS A 388 22.13 -2.55 -2.85
N SER A 389 23.23 -2.97 -2.22
CA SER A 389 24.11 -3.98 -2.78
C SER A 389 24.52 -4.94 -1.67
N TYR A 390 24.84 -6.17 -2.07
CA TYR A 390 25.26 -7.21 -1.15
C TYR A 390 24.22 -7.42 -0.04
N THR A 391 22.94 -7.52 -0.41
CA THR A 391 21.89 -7.66 0.57
C THR A 391 20.80 -8.57 0.00
N THR A 392 19.74 -8.77 0.78
CA THR A 392 18.63 -9.65 0.42
C THR A 392 17.32 -8.97 0.74
N ILE A 393 16.33 -9.14 -0.13
CA ILE A 393 15.01 -8.56 0.03
C ILE A 393 13.99 -9.69 0.04
N MET A 394 13.00 -9.57 0.92
CA MET A 394 11.88 -10.50 0.95
C MET A 394 10.60 -9.78 0.56
N ALA A 395 9.53 -10.56 0.38
CA ALA A 395 8.23 -10.02 0.05
C ALA A 395 7.17 -11.03 0.46
N LEU A 396 5.95 -10.54 0.72
CA LEU A 396 4.85 -11.39 1.15
C LEU A 396 3.58 -11.05 0.40
N ILE A 397 3.65 -11.04 -0.94
CA ILE A 397 2.55 -10.57 -1.76
C ILE A 397 1.32 -11.45 -1.56
N HIS A 398 0.31 -10.90 -0.91
CA HIS A 398 -0.94 -11.61 -0.64
C HIS A 398 -1.87 -11.52 -1.85
N LEU A 399 -1.59 -12.30 -2.89
CA LEU A 399 -2.39 -12.25 -4.12
C LEU A 399 -3.76 -12.87 -3.84
N GLY A 400 -4.77 -12.02 -3.70
CA GLY A 400 -6.12 -12.48 -3.47
C GLY A 400 -6.63 -12.14 -2.08
N SER A 401 -7.70 -12.81 -1.67
CA SER A 401 -8.29 -12.57 -0.35
C SER A 401 -9.14 -13.74 0.09
N SER B 1 -34.36 7.19 -9.55
CA SER B 1 -33.18 7.77 -10.19
C SER B 1 -32.15 8.18 -9.16
N VAL B 2 -31.83 7.29 -8.23
CA VAL B 2 -30.87 7.59 -7.19
C VAL B 2 -29.45 7.31 -7.69
N PHE B 3 -28.78 8.36 -8.17
CA PHE B 3 -27.43 8.25 -8.66
C PHE B 3 -26.45 8.12 -7.50
N ALA B 4 -26.63 8.95 -6.47
CA ALA B 4 -25.80 8.98 -5.26
C ALA B 4 -24.37 9.43 -5.59
N TYR B 5 -23.92 10.51 -4.96
CA TYR B 5 -22.58 11.03 -5.15
C TYR B 5 -21.63 10.36 -4.15
N GLU B 6 -20.39 10.15 -4.61
CA GLU B 6 -19.35 9.61 -3.74
C GLU B 6 -18.05 10.37 -3.97
N SER B 7 -17.57 11.06 -2.95
CA SER B 7 -16.36 11.86 -3.03
C SER B 7 -15.25 11.21 -2.22
N SER B 8 -14.12 10.97 -2.86
CA SER B 8 -12.96 10.41 -2.20
C SER B 8 -12.06 11.47 -1.56
N VAL B 9 -12.44 12.73 -1.65
CA VAL B 9 -11.63 13.84 -1.14
C VAL B 9 -12.36 14.62 -0.06
N HIS B 10 -13.59 14.22 0.26
CA HIS B 10 -14.39 14.94 1.24
C HIS B 10 -14.00 14.66 2.68
N SER B 11 -13.28 13.59 2.96
CA SER B 11 -12.88 13.28 4.33
C SER B 11 -11.52 13.86 4.65
N THR B 12 -10.57 13.73 3.72
CA THR B 12 -9.23 14.26 3.95
C THR B 12 -9.26 15.78 4.10
N ASN B 13 -10.04 16.45 3.26
CA ASN B 13 -10.14 17.91 3.37
C ASN B 13 -10.84 18.35 4.65
N VAL B 14 -11.87 17.62 5.08
CA VAL B 14 -12.52 17.97 6.34
C VAL B 14 -11.55 17.79 7.51
N LEU B 15 -10.77 16.71 7.53
CA LEU B 15 -9.81 16.51 8.61
C LEU B 15 -8.65 17.50 8.54
N LEU B 16 -8.30 17.99 7.35
CA LEU B 16 -7.29 19.05 7.26
C LEU B 16 -7.84 20.39 7.72
N SER B 17 -9.10 20.69 7.41
CA SER B 17 -9.74 21.89 7.93
C SER B 17 -9.87 21.86 9.44
N LEU B 18 -10.16 20.69 10.02
CA LEU B 18 -10.14 20.55 11.48
C LEU B 18 -8.77 20.84 12.06
N ASN B 19 -7.69 20.33 11.44
CA ASN B 19 -6.34 20.68 11.86
C ASN B 19 -6.05 22.17 11.76
N ASP B 20 -6.42 22.81 10.67
CA ASP B 20 -6.23 24.25 10.51
C ASP B 20 -7.01 25.05 11.55
N GLN B 21 -8.23 24.65 11.86
CA GLN B 21 -8.98 25.25 12.94
C GLN B 21 -8.34 25.02 14.30
N ARG B 22 -7.70 23.87 14.50
CA ARG B 22 -6.99 23.59 15.74
C ARG B 22 -5.78 24.51 15.91
N LYS B 23 -5.00 24.68 14.85
CA LYS B 23 -3.73 25.41 14.96
C LYS B 23 -3.92 26.84 15.41
N LYS B 24 -4.85 27.58 14.80
CA LYS B 24 -5.03 28.99 15.12
C LYS B 24 -6.26 29.20 16.01
N ASP B 25 -6.57 28.16 16.79
CA ASP B 25 -7.61 28.21 17.82
C ASP B 25 -8.94 28.72 17.29
N VAL B 26 -9.43 28.12 16.21
CA VAL B 26 -10.68 28.53 15.59
C VAL B 26 -11.76 27.58 16.09
N LEU B 27 -12.57 28.05 17.04
CA LEU B 27 -13.57 27.28 17.77
C LEU B 27 -13.00 26.03 18.44
N CYS B 28 -11.86 26.13 19.12
CA CYS B 28 -11.44 25.07 20.01
C CYS B 28 -12.20 25.17 21.33
N ASP B 29 -12.91 24.11 21.70
CA ASP B 29 -13.75 24.16 22.90
C ASP B 29 -13.28 23.21 24.00
N VAL B 30 -12.09 22.64 23.89
CA VAL B 30 -11.56 21.78 24.94
C VAL B 30 -10.08 22.06 25.12
N THR B 31 -9.65 22.11 26.38
CA THR B 31 -8.25 22.26 26.74
C THR B 31 -7.82 21.05 27.55
N ILE B 32 -6.68 20.49 27.20
CA ILE B 32 -6.18 19.26 27.83
C ILE B 32 -4.76 19.56 28.34
N PHE B 33 -4.44 19.06 29.52
CA PHE B 33 -3.11 19.21 30.07
C PHE B 33 -2.38 17.87 30.09
N VAL B 34 -1.14 17.89 29.62
CA VAL B 34 -0.22 16.77 29.76
C VAL B 34 1.05 17.32 30.40
N GLU B 35 1.38 16.83 31.59
CA GLU B 35 2.37 17.50 32.44
C GLU B 35 1.99 18.97 32.51
N GLY B 36 2.89 19.87 32.11
CA GLY B 36 2.40 21.15 31.66
C GLY B 36 2.96 21.57 30.31
N GLN B 37 2.15 21.39 29.27
CA GLN B 37 2.29 22.02 27.96
C GLN B 37 0.89 22.05 27.37
N ARG B 38 0.21 23.19 27.43
CA ARG B 38 -1.20 23.26 27.07
C ARG B 38 -1.43 22.86 25.62
N PHE B 39 -2.40 21.97 25.41
CA PHE B 39 -2.87 21.60 24.08
C PHE B 39 -4.33 21.99 23.89
N ARG B 40 -4.68 22.26 22.64
CA ARG B 40 -6.05 22.63 22.28
C ARG B 40 -6.54 21.69 21.19
N ALA B 41 -7.82 21.33 21.27
CA ALA B 41 -8.41 20.40 20.31
C ALA B 41 -9.90 20.68 20.23
N HIS B 42 -10.62 19.76 19.57
CA HIS B 42 -12.07 19.84 19.44
C HIS B 42 -12.71 18.75 20.27
N ARG B 43 -13.82 19.07 20.93
CA ARG B 43 -14.51 18.08 21.74
C ARG B 43 -15.05 16.94 20.89
N SER B 44 -15.66 17.25 19.75
CA SER B 44 -16.26 16.21 18.91
C SER B 44 -15.22 15.29 18.31
N VAL B 45 -14.08 15.83 17.87
CA VAL B 45 -13.06 15.01 17.23
C VAL B 45 -12.52 13.97 18.21
N LEU B 46 -12.16 14.39 19.41
CA LEU B 46 -11.65 13.47 20.42
C LEU B 46 -12.74 12.61 21.04
N ALA B 47 -14.00 12.99 20.91
CA ALA B 47 -15.08 12.15 21.41
C ALA B 47 -15.25 10.88 20.61
N ALA B 48 -14.62 10.78 19.43
CA ALA B 48 -14.78 9.60 18.59
C ALA B 48 -13.43 9.03 18.17
N CYS B 49 -12.40 9.88 18.14
CA CYS B 49 -11.08 9.39 17.75
C CYS B 49 -10.52 8.41 18.77
N SER B 50 -10.71 8.67 20.05
CA SER B 50 -10.24 7.80 21.12
C SER B 50 -11.44 7.17 21.83
N SER B 51 -11.18 6.35 22.83
CA SER B 51 -12.24 5.71 23.59
C SER B 51 -12.03 5.94 25.09
N TYR B 52 -11.30 7.00 25.43
CA TYR B 52 -11.19 7.46 26.80
C TYR B 52 -11.70 8.89 26.86
N PHE B 53 -11.49 9.61 25.76
CA PHE B 53 -12.12 10.91 25.54
C PHE B 53 -13.54 10.74 25.01
N HIS B 54 -14.09 9.53 25.19
CA HIS B 54 -15.51 9.34 25.02
C HIS B 54 -16.18 8.97 26.35
N SER B 55 -15.41 8.68 27.39
CA SER B 55 -15.94 8.48 28.73
C SER B 55 -15.60 9.63 29.66
N ARG B 56 -14.61 10.46 29.30
CA ARG B 56 -14.34 11.65 30.09
C ARG B 56 -14.70 12.93 29.34
N ILE B 57 -15.56 12.79 28.33
CA ILE B 57 -16.03 13.94 27.56
C ILE B 57 -17.56 14.05 27.55
N VAL B 58 -18.29 12.95 27.74
CA VAL B 58 -19.74 12.98 27.68
C VAL B 58 -20.29 13.22 29.08
N GLY B 59 -21.55 13.61 29.17
CA GLY B 59 -22.15 13.94 30.46
C GLY B 59 -21.57 15.18 31.10
N GLN B 60 -21.26 16.19 30.30
CA GLN B 60 -20.75 17.47 30.82
C GLN B 60 -21.64 18.57 30.28
N ALA B 61 -21.24 19.82 30.52
CA ALA B 61 -21.99 20.97 30.03
C ALA B 61 -21.23 21.65 28.91
N ASP B 62 -21.77 22.75 28.38
CA ASP B 62 -21.10 23.52 27.34
C ASP B 62 -19.91 24.30 27.87
N GLY B 63 -19.82 24.49 29.18
CA GLY B 63 -18.62 25.10 29.76
C GLY B 63 -17.39 24.24 29.47
N GLU B 64 -16.33 24.92 29.06
CA GLU B 64 -15.12 24.22 28.62
C GLU B 64 -14.57 23.34 29.74
N LEU B 65 -14.36 22.07 29.43
CA LEU B 65 -13.82 21.10 30.38
C LEU B 65 -12.31 21.00 30.17
N ASN B 66 -11.56 21.13 31.25
CA ASN B 66 -10.10 21.05 31.23
C ASN B 66 -9.68 19.71 31.84
N ILE B 67 -9.57 18.69 30.99
CA ILE B 67 -9.16 17.37 31.44
C ILE B 67 -7.64 17.29 31.49
N THR B 68 -7.13 16.53 32.45
CA THR B 68 -5.70 16.38 32.65
C THR B 68 -5.33 14.90 32.63
N LEU B 69 -4.15 14.60 32.09
CA LEU B 69 -3.66 13.24 32.03
C LEU B 69 -2.51 13.02 33.01
N PRO B 70 -2.45 11.86 33.64
CA PRO B 70 -1.39 11.59 34.62
C PRO B 70 0.00 11.58 34.00
N GLU B 71 1.02 11.41 34.85
CA GLU B 71 2.42 11.40 34.44
C GLU B 71 2.79 10.14 33.68
N GLU B 72 1.91 9.13 33.68
CA GLU B 72 2.21 7.89 32.98
C GLU B 72 2.31 8.13 31.47
N VAL B 73 1.55 9.10 30.95
CA VAL B 73 1.75 9.57 29.59
C VAL B 73 2.55 10.86 29.67
N THR B 74 3.29 11.17 28.61
CA THR B 74 4.13 12.38 28.60
C THR B 74 3.79 13.18 27.35
N VAL B 75 4.57 14.22 27.09
CA VAL B 75 4.39 15.05 25.91
C VAL B 75 5.16 14.51 24.71
N LYS B 76 6.15 13.63 24.91
CA LYS B 76 6.89 13.03 23.82
C LYS B 76 6.09 11.99 23.07
N GLY B 77 5.02 11.48 23.67
CA GLY B 77 4.20 10.49 23.02
C GLY B 77 2.84 11.00 22.57
N PHE B 78 2.42 12.13 23.13
CA PHE B 78 1.13 12.70 22.76
C PHE B 78 1.19 13.54 21.49
N GLU B 79 2.21 14.38 21.33
CA GLU B 79 2.25 15.26 20.16
C GLU B 79 2.26 14.47 18.87
N PRO B 80 3.05 13.41 18.70
CA PRO B 80 2.83 12.49 17.63
C PRO B 80 1.42 11.93 17.53
N LEU B 81 0.76 11.64 18.64
CA LEU B 81 -0.52 10.96 18.62
C LEU B 81 -1.68 11.89 18.28
N ILE B 82 -1.72 13.08 18.90
CA ILE B 82 -2.80 14.01 18.61
C ILE B 82 -2.71 14.61 17.22
N GLN B 83 -1.51 14.66 16.64
CA GLN B 83 -1.34 15.08 15.26
C GLN B 83 -1.83 14.02 14.28
N PHE B 84 -1.65 12.75 14.60
CA PHE B 84 -2.29 11.66 13.88
C PHE B 84 -3.80 11.63 14.07
N ALA B 85 -4.29 12.05 15.23
CA ALA B 85 -5.71 12.15 15.49
C ALA B 85 -6.40 13.21 14.63
N TYR B 86 -5.63 14.05 13.95
CA TYR B 86 -6.20 15.10 13.11
C TYR B 86 -5.75 15.04 11.66
N THR B 87 -4.60 14.41 11.36
CA THR B 87 -4.09 14.39 9.99
C THR B 87 -3.95 12.98 9.45
N ALA B 88 -4.22 11.98 10.28
CA ALA B 88 -4.08 10.57 9.92
C ALA B 88 -2.68 10.26 9.40
N LYS B 89 -1.67 10.80 10.10
CA LYS B 89 -0.28 10.54 9.78
C LYS B 89 0.56 10.66 11.04
N LEU B 90 1.21 9.58 11.45
CA LEU B 90 1.89 9.49 12.74
C LEU B 90 3.37 9.26 12.49
N ILE B 91 4.18 10.29 12.72
CA ILE B 91 5.63 10.21 12.51
C ILE B 91 6.24 9.41 13.64
N LEU B 92 7.20 8.55 13.33
CA LEU B 92 7.89 7.75 14.32
C LEU B 92 9.40 8.00 14.25
N SER B 93 10.03 7.94 15.42
CA SER B 93 11.47 8.17 15.54
C SER B 93 11.99 7.27 16.66
N LYS B 94 13.32 7.28 16.83
CA LYS B 94 13.99 6.39 17.77
C LYS B 94 13.43 6.50 19.18
N GLU B 95 13.37 7.71 19.73
CA GLU B 95 12.88 7.88 21.09
C GLU B 95 11.35 7.84 21.15
N ASN B 96 10.70 7.92 20.00
CA ASN B 96 9.24 8.01 19.99
C ASN B 96 8.57 6.67 20.25
N VAL B 97 9.15 5.57 19.78
CA VAL B 97 8.42 4.31 19.62
C VAL B 97 7.82 3.85 20.94
N ASP B 98 8.65 3.78 21.99
CA ASP B 98 8.19 3.22 23.26
C ASP B 98 7.05 4.05 23.84
N GLU B 99 7.25 5.37 23.91
CA GLU B 99 6.24 6.20 24.56
C GLU B 99 5.00 6.36 23.69
N VAL B 100 5.17 6.47 22.37
CA VAL B 100 4.02 6.60 21.50
C VAL B 100 3.19 5.32 21.49
N CYS B 101 3.83 4.17 21.67
CA CYS B 101 3.06 2.93 21.79
C CYS B 101 2.41 2.83 23.17
N LYS B 102 3.09 3.32 24.20
CA LYS B 102 2.55 3.26 25.56
C LYS B 102 1.36 4.19 25.72
N CYS B 103 1.29 5.24 24.90
CA CYS B 103 0.15 6.16 24.97
C CYS B 103 -1.14 5.50 24.52
N VAL B 104 -1.06 4.57 23.57
CA VAL B 104 -2.24 4.05 22.87
C VAL B 104 -3.17 3.29 23.81
N GLU B 105 -2.62 2.38 24.63
CA GLU B 105 -3.50 1.51 25.41
C GLU B 105 -4.22 2.27 26.51
N PHE B 106 -3.67 3.39 26.97
CA PHE B 106 -4.37 4.19 27.97
C PHE B 106 -5.45 5.04 27.33
N LEU B 107 -5.51 5.05 26.00
CA LEU B 107 -6.48 5.89 25.31
C LEU B 107 -7.34 5.04 24.39
N SER B 108 -6.78 3.94 23.90
CA SER B 108 -7.45 3.02 22.97
C SER B 108 -8.01 3.80 21.78
N VAL B 109 -7.15 4.64 21.22
CA VAL B 109 -7.48 5.44 20.04
C VAL B 109 -7.72 4.48 18.89
N HIS B 110 -8.81 4.70 18.14
CA HIS B 110 -9.26 3.74 17.15
C HIS B 110 -8.47 3.88 15.86
N ASN B 111 -8.61 2.88 14.98
CA ASN B 111 -8.03 2.84 13.65
C ASN B 111 -6.52 2.91 13.65
N ILE B 112 -5.87 2.59 14.77
CA ILE B 112 -4.42 2.45 14.83
C ILE B 112 -4.13 1.08 15.41
N GLU B 113 -3.18 0.37 14.81
CA GLU B 113 -2.86 -0.98 15.25
C GLU B 113 -1.47 -1.01 15.89
N GLU B 114 -1.38 -1.57 17.09
CA GLU B 114 -0.18 -1.48 17.90
C GLU B 114 0.67 -2.73 17.77
N SER B 115 0.53 -3.46 16.67
CA SER B 115 1.33 -4.64 16.42
C SER B 115 2.26 -4.40 15.25
N CYS B 116 1.92 -3.42 14.41
CA CYS B 116 2.79 -3.08 13.29
C CYS B 116 4.04 -2.35 13.75
N PHE B 117 3.98 -1.70 14.92
CA PHE B 117 5.14 -0.96 15.41
C PHE B 117 6.32 -1.89 15.71
N GLN B 118 6.06 -3.15 16.06
CA GLN B 118 7.14 -4.09 16.33
C GLN B 118 7.66 -4.68 15.03
N PHE B 119 7.96 -3.80 14.07
CA PHE B 119 8.48 -4.23 12.78
C PHE B 119 9.62 -3.30 12.37
N LEU B 120 9.62 -2.10 12.93
CA LEU B 120 10.58 -1.07 12.56
C LEU B 120 11.98 -1.44 13.02
N LYS B 121 12.97 -1.08 12.19
CA LYS B 121 14.35 -1.32 12.55
C LYS B 121 14.79 -0.35 13.63
N PHE B 122 14.80 0.95 13.30
CA PHE B 122 15.15 2.02 14.24
C PHE B 122 16.43 1.73 15.02
N SER C 1 16.67 7.85 10.03
CA SER C 1 15.97 6.82 10.79
C SER C 1 14.66 7.36 11.35
N VAL C 2 13.77 7.78 10.46
CA VAL C 2 12.45 8.28 10.83
C VAL C 2 11.42 7.59 9.96
N PHE C 3 10.38 7.04 10.57
CA PHE C 3 9.36 6.29 9.86
C PHE C 3 8.02 6.99 9.99
N ALA C 4 7.17 6.77 9.00
CA ALA C 4 5.84 7.35 8.94
C ALA C 4 4.78 6.26 9.06
N TYR C 5 3.56 6.69 9.38
CA TYR C 5 2.42 5.78 9.47
C TYR C 5 1.23 6.52 8.87
N GLU C 6 0.99 6.28 7.57
CA GLU C 6 -0.08 6.94 6.86
C GLU C 6 -1.26 5.98 6.72
N SER C 7 -2.38 6.34 7.34
CA SER C 7 -3.56 5.50 7.32
C SER C 7 -4.47 5.90 6.15
N SER C 8 -5.40 5.01 5.80
CA SER C 8 -6.34 5.36 4.72
C SER C 8 -7.78 5.11 5.11
N VAL C 9 -8.08 4.80 6.38
CA VAL C 9 -9.44 4.56 6.83
C VAL C 9 -9.82 5.44 8.01
N HIS C 10 -8.87 6.13 8.63
CA HIS C 10 -9.18 6.95 9.79
C HIS C 10 -10.18 8.05 9.46
N SER C 11 -10.01 8.69 8.30
CA SER C 11 -10.87 9.81 7.94
C SER C 11 -12.33 9.37 7.83
N THR C 12 -12.57 8.26 7.12
CA THR C 12 -13.93 7.79 6.95
C THR C 12 -14.56 7.35 8.27
N ASN C 13 -13.82 6.63 9.10
CA ASN C 13 -14.38 6.20 10.38
C ASN C 13 -14.65 7.38 11.31
N VAL C 14 -13.75 8.37 11.36
CA VAL C 14 -14.00 9.50 12.22
C VAL C 14 -15.18 10.31 11.72
N LEU C 15 -15.33 10.44 10.39
CA LEU C 15 -16.50 11.13 9.85
C LEU C 15 -17.80 10.39 10.15
N LEU C 16 -17.82 9.07 9.98
CA LEU C 16 -19.00 8.28 10.32
C LEU C 16 -19.35 8.33 11.80
N SER C 17 -18.36 8.26 12.68
CA SER C 17 -18.62 8.38 14.11
C SER C 17 -19.09 9.77 14.49
N LEU C 18 -18.55 10.81 13.87
CA LEU C 18 -19.06 12.15 14.07
C LEU C 18 -20.49 12.31 13.58
N ASN C 19 -20.84 11.66 12.47
CA ASN C 19 -22.23 11.62 12.01
C ASN C 19 -23.15 10.90 12.98
N ASP C 20 -22.70 9.79 13.56
CA ASP C 20 -23.47 9.13 14.61
C ASP C 20 -23.66 10.05 15.81
N GLN C 21 -22.61 10.79 16.18
CA GLN C 21 -22.74 11.77 17.25
C GLN C 21 -23.78 12.82 16.88
N ARG C 22 -23.76 13.28 15.63
CA ARG C 22 -24.73 14.21 15.05
C ARG C 22 -26.13 13.72 15.19
N LYS C 23 -26.35 12.43 14.97
CA LYS C 23 -27.69 11.87 15.09
C LYS C 23 -28.08 11.52 16.53
N LYS C 24 -27.20 11.72 17.51
CA LYS C 24 -27.47 11.36 18.90
C LYS C 24 -27.06 12.50 19.83
N ASP C 25 -27.96 13.46 20.01
CA ASP C 25 -27.92 14.47 21.07
C ASP C 25 -26.52 14.99 21.41
N VAL C 26 -25.75 14.16 22.12
CA VAL C 26 -24.56 14.63 22.82
C VAL C 26 -23.51 15.17 21.85
N LEU C 27 -22.68 16.08 22.36
CA LEU C 27 -21.59 16.73 21.64
C LEU C 27 -22.05 17.56 20.45
N CYS C 28 -23.37 17.73 20.29
CA CYS C 28 -23.87 18.64 19.28
C CYS C 28 -24.13 20.01 19.90
N ASP C 29 -23.57 21.05 19.28
CA ASP C 29 -23.51 22.37 19.90
C ASP C 29 -23.92 23.46 18.91
N VAL C 30 -24.86 23.15 18.03
CA VAL C 30 -25.49 24.15 17.16
C VAL C 30 -26.77 23.57 16.59
N THR C 31 -27.78 24.41 16.41
CA THR C 31 -29.06 23.97 15.87
C THR C 31 -29.40 24.81 14.65
N ILE C 32 -29.79 24.16 13.57
CA ILE C 32 -30.12 24.83 12.32
C ILE C 32 -31.64 24.94 12.25
N PHE C 33 -32.17 26.11 12.63
CA PHE C 33 -33.60 26.37 12.53
C PHE C 33 -33.93 26.70 11.08
N VAL C 34 -34.58 25.76 10.39
CA VAL C 34 -34.93 25.94 8.98
C VAL C 34 -36.41 25.66 8.79
N GLU C 35 -37.14 26.67 8.34
CA GLU C 35 -38.52 26.56 7.87
C GLU C 35 -39.47 26.00 8.94
N GLY C 36 -39.08 26.07 10.20
CA GLY C 36 -39.95 25.61 11.26
C GLY C 36 -39.47 24.37 11.98
N GLN C 37 -38.94 23.41 11.23
CA GLN C 37 -38.41 22.19 11.84
C GLN C 37 -36.98 22.44 12.32
N ARG C 38 -36.42 21.50 13.07
CA ARG C 38 -35.15 21.68 13.74
C ARG C 38 -34.11 20.75 13.13
N PHE C 39 -32.89 21.27 13.00
CA PHE C 39 -31.77 20.45 12.59
C PHE C 39 -30.60 20.78 13.50
N ARG C 40 -29.93 19.75 13.98
CA ARG C 40 -28.88 19.89 14.97
C ARG C 40 -27.59 19.28 14.44
N ALA C 41 -26.49 20.00 14.61
CA ALA C 41 -25.22 19.65 13.97
C ALA C 41 -24.08 20.08 14.89
N HIS C 42 -22.88 20.16 14.33
CA HIS C 42 -21.67 20.52 15.05
C HIS C 42 -21.15 21.85 14.55
N ARG C 43 -20.38 22.54 15.40
CA ARG C 43 -19.81 23.85 15.04
C ARG C 43 -18.38 23.69 14.51
N SER C 44 -18.05 22.47 14.11
CA SER C 44 -16.71 22.22 13.62
C SER C 44 -16.75 21.70 12.19
N VAL C 45 -17.69 20.79 11.90
CA VAL C 45 -17.82 20.28 10.54
C VAL C 45 -18.38 21.37 9.63
N LEU C 46 -19.42 22.06 10.06
CA LEU C 46 -20.07 23.08 9.24
C LEU C 46 -19.16 24.25 8.93
N ALA C 47 -18.09 24.45 9.70
CA ALA C 47 -17.14 25.52 9.40
C ALA C 47 -16.01 24.96 8.55
N ALA C 48 -16.22 23.79 7.96
CA ALA C 48 -15.21 23.14 7.15
C ALA C 48 -15.77 22.70 5.80
N CYS C 49 -17.09 22.54 5.73
CA CYS C 49 -17.72 22.08 4.49
C CYS C 49 -17.98 23.21 3.51
N SER C 50 -18.17 24.43 3.99
CA SER C 50 -18.54 25.53 3.11
C SER C 50 -17.97 26.86 3.59
N SER C 51 -18.46 27.96 3.01
CA SER C 51 -18.03 29.29 3.42
C SER C 51 -19.15 30.16 3.99
N TYR C 52 -20.41 29.93 3.63
CA TYR C 52 -21.50 30.70 4.22
C TYR C 52 -21.54 30.49 5.73
N PHE C 53 -21.47 29.24 6.18
CA PHE C 53 -21.43 28.96 7.61
C PHE C 53 -20.15 29.50 8.24
N HIS C 54 -19.04 29.39 7.50
CA HIS C 54 -17.75 29.82 8.02
C HIS C 54 -17.73 31.31 8.32
N SER C 55 -18.30 32.11 7.42
CA SER C 55 -18.34 33.56 7.62
C SER C 55 -19.28 33.98 8.74
N ARG C 56 -20.18 33.12 9.18
CA ARG C 56 -21.14 33.46 10.23
C ARG C 56 -20.89 32.77 11.56
N ILE C 57 -19.95 31.83 11.64
CA ILE C 57 -19.74 31.04 12.84
C ILE C 57 -18.58 31.57 13.68
N VAL C 58 -17.56 32.12 13.03
CA VAL C 58 -16.33 32.53 13.72
C VAL C 58 -16.55 33.84 14.47
N GLY C 59 -15.76 34.04 15.53
CA GLY C 59 -15.76 35.30 16.24
C GLY C 59 -16.78 35.37 17.36
N GLN C 60 -17.99 34.88 17.08
CA GLN C 60 -19.07 34.93 18.05
C GLN C 60 -18.78 33.98 19.22
N ALA C 61 -19.18 34.41 20.41
CA ALA C 61 -18.90 33.65 21.64
C ALA C 61 -19.61 32.31 21.66
N ASP C 62 -19.10 31.38 22.45
CA ASP C 62 -19.71 30.05 22.59
C ASP C 62 -21.05 30.15 23.30
N GLY C 63 -21.94 29.22 22.98
CA GLY C 63 -23.22 29.13 23.66
C GLY C 63 -24.30 28.65 22.71
N GLU C 64 -25.54 28.80 23.17
CA GLU C 64 -26.71 28.43 22.38
C GLU C 64 -26.75 29.24 21.10
N LEU C 65 -27.09 28.58 19.99
CA LEU C 65 -26.98 29.20 18.68
C LEU C 65 -28.16 28.84 17.79
N ASN C 66 -28.68 29.85 17.09
CA ASN C 66 -29.53 29.69 15.92
C ASN C 66 -28.84 30.39 14.76
N ILE C 67 -28.64 29.68 13.66
CA ILE C 67 -27.97 30.22 12.49
C ILE C 67 -28.96 30.10 11.34
N THR C 68 -30.23 30.36 11.64
CA THR C 68 -31.36 30.19 10.73
C THR C 68 -31.07 30.61 9.29
N LEU C 69 -31.27 29.70 8.35
CA LEU C 69 -31.22 30.05 6.93
C LEU C 69 -32.58 30.65 6.56
N PRO C 70 -32.66 31.95 6.27
CA PRO C 70 -33.95 32.65 6.38
C PRO C 70 -35.08 32.12 5.50
N GLU C 71 -34.96 32.20 4.17
CA GLU C 71 -36.03 31.71 3.34
C GLU C 71 -35.56 31.02 2.07
N GLU C 72 -34.35 31.34 1.61
CA GLU C 72 -33.92 31.00 0.26
C GLU C 72 -33.76 29.50 0.06
N VAL C 73 -33.21 28.80 1.06
CA VAL C 73 -33.02 27.36 0.94
C VAL C 73 -34.34 26.66 1.22
N THR C 74 -34.49 25.46 0.67
CA THR C 74 -35.61 24.59 0.97
C THR C 74 -35.20 23.59 2.05
N VAL C 75 -36.08 22.64 2.34
CA VAL C 75 -35.76 21.53 3.22
C VAL C 75 -35.44 20.27 2.43
N LYS C 76 -36.18 20.04 1.34
CA LYS C 76 -35.86 18.93 0.45
C LYS C 76 -34.46 19.08 -0.14
N GLY C 77 -34.01 20.32 -0.30
CA GLY C 77 -32.66 20.58 -0.77
C GLY C 77 -31.66 20.77 0.35
N PHE C 78 -32.14 20.76 1.60
CA PHE C 78 -31.25 20.93 2.74
C PHE C 78 -30.87 19.61 3.39
N GLU C 79 -31.83 18.70 3.51
CA GLU C 79 -31.56 17.40 4.15
C GLU C 79 -30.40 16.65 3.50
N PRO C 80 -30.29 16.53 2.17
CA PRO C 80 -29.11 15.85 1.60
C PRO C 80 -27.80 16.58 1.83
N LEU C 81 -27.82 17.90 2.00
CA LEU C 81 -26.58 18.66 2.13
C LEU C 81 -25.80 18.32 3.39
N ILE C 82 -26.43 18.34 4.56
CA ILE C 82 -25.73 17.99 5.79
C ILE C 82 -25.40 16.50 5.82
N GLN C 83 -26.20 15.65 5.17
CA GLN C 83 -25.84 14.25 5.03
C GLN C 83 -24.54 14.10 4.26
N PHE C 84 -24.39 14.83 3.15
CA PHE C 84 -23.12 14.84 2.44
C PHE C 84 -22.00 15.43 3.28
N ALA C 85 -22.31 16.45 4.09
CA ALA C 85 -21.28 17.06 4.91
C ALA C 85 -20.73 16.09 5.94
N TYR C 86 -21.59 15.26 6.53
CA TYR C 86 -21.19 14.40 7.64
C TYR C 86 -20.84 12.98 7.22
N THR C 87 -21.21 12.55 6.01
CA THR C 87 -21.02 11.16 5.64
C THR C 87 -20.35 11.03 4.28
N ALA C 88 -20.44 12.09 3.47
CA ALA C 88 -19.84 12.16 2.15
C ALA C 88 -20.56 11.28 1.13
N LYS C 89 -21.89 11.19 1.25
CA LYS C 89 -22.70 10.58 0.20
C LYS C 89 -23.89 11.48 -0.06
N LEU C 90 -24.43 11.43 -1.27
CA LEU C 90 -25.56 12.25 -1.62
C LEU C 90 -26.75 11.38 -2.00
N ILE C 91 -27.94 11.97 -1.91
CA ILE C 91 -29.16 11.29 -2.33
C ILE C 91 -29.89 12.21 -3.31
N LEU C 92 -29.79 11.90 -4.59
CA LEU C 92 -30.40 12.73 -5.63
C LEU C 92 -31.45 11.94 -6.39
N SER C 93 -32.56 12.61 -6.69
CA SER C 93 -33.65 12.03 -7.46
C SER C 93 -34.17 13.10 -8.41
N LYS C 94 -34.95 12.66 -9.41
CA LYS C 94 -35.45 13.55 -10.46
C LYS C 94 -36.38 14.63 -9.91
N GLU C 95 -36.74 14.54 -8.63
CA GLU C 95 -37.57 15.56 -8.00
C GLU C 95 -36.79 16.24 -6.89
N ASN C 96 -35.46 16.16 -6.95
CA ASN C 96 -34.61 16.68 -5.89
C ASN C 96 -33.46 17.52 -6.43
N VAL C 97 -33.11 17.33 -7.69
CA VAL C 97 -31.88 17.88 -8.27
C VAL C 97 -31.85 19.40 -8.20
N ASP C 98 -32.97 20.04 -8.54
CA ASP C 98 -32.97 21.50 -8.68
C ASP C 98 -32.66 22.19 -7.36
N GLU C 99 -33.35 21.78 -6.28
CA GLU C 99 -33.14 22.45 -4.99
C GLU C 99 -31.76 22.16 -4.43
N VAL C 100 -31.25 20.94 -4.59
CA VAL C 100 -29.90 20.64 -4.13
C VAL C 100 -28.88 21.47 -4.89
N CYS C 101 -29.03 21.57 -6.21
CA CYS C 101 -28.11 22.38 -7.00
C CYS C 101 -28.21 23.86 -6.63
N LYS C 102 -29.40 24.34 -6.31
CA LYS C 102 -29.55 25.71 -5.83
C LYS C 102 -28.82 25.90 -4.51
N CYS C 103 -28.92 24.93 -3.62
CA CYS C 103 -28.24 25.01 -2.32
C CYS C 103 -26.73 24.98 -2.44
N VAL C 104 -26.16 24.14 -3.30
CA VAL C 104 -24.71 24.12 -3.42
C VAL C 104 -24.16 25.43 -3.96
N GLU C 105 -24.75 25.97 -5.01
CA GLU C 105 -24.25 27.23 -5.58
C GLU C 105 -24.44 28.41 -4.63
N PHE C 106 -25.29 28.27 -3.62
CA PHE C 106 -25.47 29.31 -2.61
C PHE C 106 -24.48 29.15 -1.47
N LEU C 107 -24.51 28.01 -0.78
CA LEU C 107 -23.64 27.80 0.36
C LEU C 107 -22.19 27.59 -0.02
N SER C 108 -21.90 27.36 -1.30
CA SER C 108 -20.54 27.14 -1.79
C SER C 108 -19.86 25.98 -1.07
N VAL C 109 -20.56 24.85 -0.94
CA VAL C 109 -19.99 23.67 -0.31
C VAL C 109 -18.88 23.13 -1.20
N HIS C 110 -17.74 22.79 -0.58
CA HIS C 110 -16.61 22.29 -1.34
C HIS C 110 -16.68 20.77 -1.48
N ASN C 111 -15.68 20.22 -2.16
CA ASN C 111 -15.53 18.78 -2.44
C ASN C 111 -16.77 18.19 -3.10
N ILE C 112 -17.60 19.01 -3.73
CA ILE C 112 -18.73 18.55 -4.52
C ILE C 112 -18.62 19.19 -5.89
N GLU C 113 -18.58 18.37 -6.93
CA GLU C 113 -18.42 18.85 -8.29
C GLU C 113 -19.79 18.99 -8.95
N GLU C 114 -19.83 19.77 -10.04
CA GLU C 114 -21.09 19.99 -10.76
C GLU C 114 -21.55 18.73 -11.49
N SER C 115 -20.89 17.59 -11.25
CA SER C 115 -21.20 16.33 -11.90
C SER C 115 -22.67 15.94 -11.77
N CYS C 116 -23.41 16.58 -10.85
CA CYS C 116 -24.85 16.42 -10.76
C CYS C 116 -25.54 17.28 -11.83
N PHE C 117 -25.14 17.01 -13.08
CA PHE C 117 -25.53 17.82 -14.23
C PHE C 117 -26.34 17.08 -15.27
N GLN C 118 -25.87 15.92 -15.74
CA GLN C 118 -26.54 15.20 -16.81
C GLN C 118 -26.86 13.77 -16.40
N PHE C 119 -26.65 13.45 -15.12
CA PHE C 119 -26.92 12.11 -14.62
C PHE C 119 -28.41 11.78 -14.71
N LEU C 120 -29.25 12.81 -14.71
CA LEU C 120 -30.70 12.64 -14.75
C LEU C 120 -31.15 11.97 -16.04
N LYS C 121 -32.42 11.59 -16.09
CA LYS C 121 -33.02 10.93 -17.26
C LYS C 121 -32.21 9.71 -17.70
#